data_3TMA
#
_entry.id   3TMA
#
_cell.length_a   65.860
_cell.length_b   65.860
_cell.length_c   144.550
_cell.angle_alpha   90.00
_cell.angle_beta   90.00
_cell.angle_gamma   120.00
#
_symmetry.space_group_name_H-M   'P 32 2 1'
#
loop_
_entity.id
_entity.type
_entity.pdbx_description
1 polymer methyltransferase
2 non-polymer 'PHOSPHATE ION'
3 water water
#
_entity_poly.entity_id   1
_entity_poly.type   'polypeptide(L)'
_entity_poly.pdbx_seq_one_letter_code
;GSSHHHHHHSSGLVPRGSHMWLEATTHPGLEDLLLEELSALYPGEGAEVDARKGRVRIPRAWVGEEALGLRLAHHLVLFR
ARLLLSREDPLGALERAALALPWPELEGAGSFRVEARREGEHPFTSPEVERRVGEALHRAYGVPVDLKRPAVRVRVDVRG
EEAFLGVQLTERPLSRRFPKAALRGSLTPVLAQALLRLADARPGMRVLDPFTGSGTIALEAASTLGPTSPVYAGDLDEKR
LGLAREAALASGLSWIRFLRADARHLPRFFPEVDRILANPPHGLRLGRKEGLFHLYWDFLRGALALLPPGGRVALLTLRP
ALLKRALPPGFALRHARVVEQGGVYPRVFVLEKL
;
_entity_poly.pdbx_strand_id   A
#
# COMPACT_ATOMS: atom_id res chain seq x y z
N HIS A 19 -20.55 5.33 18.30
CA HIS A 19 -19.19 4.81 18.28
C HIS A 19 -18.69 4.77 16.85
N MET A 20 -17.58 5.42 16.59
CA MET A 20 -17.12 5.64 15.23
C MET A 20 -15.79 4.92 15.00
N TRP A 21 -15.46 4.67 13.74
CA TRP A 21 -14.26 3.87 13.39
C TRP A 21 -13.60 4.45 12.18
N LEU A 22 -12.29 4.65 12.23
CA LEU A 22 -11.55 4.95 11.04
C LEU A 22 -11.15 3.60 10.46
N GLU A 23 -11.52 3.35 9.20
CA GLU A 23 -10.98 2.17 8.51
C GLU A 23 -9.94 2.54 7.44
N ALA A 24 -8.77 1.92 7.49
CA ALA A 24 -7.75 2.13 6.49
C ALA A 24 -7.55 0.83 5.69
N THR A 25 -7.36 0.95 4.38
CA THR A 25 -7.12 -0.21 3.55
C THR A 25 -5.69 -0.22 3.02
N THR A 26 -5.16 -1.41 2.78
CA THR A 26 -3.78 -1.56 2.29
C THR A 26 -3.80 -2.82 1.39
N HIS A 27 -2.65 -3.28 0.90
CA HIS A 27 -2.64 -4.62 0.23
C HIS A 27 -2.92 -5.73 1.26
N PRO A 28 -3.81 -6.69 0.92
CA PRO A 28 -3.89 -7.87 1.79
C PRO A 28 -2.51 -8.45 2.04
N GLY A 29 -2.25 -8.79 3.31
CA GLY A 29 -0.91 -9.26 3.73
C GLY A 29 -0.06 -8.21 4.45
N LEU A 30 -0.47 -6.96 4.36
CA LEU A 30 0.28 -5.86 5.03
C LEU A 30 -0.48 -5.29 6.25
N GLU A 31 -1.54 -5.96 6.71
CA GLU A 31 -2.36 -5.41 7.84
C GLU A 31 -1.54 -5.14 9.09
N ASP A 32 -0.66 -6.08 9.46
CA ASP A 32 0.14 -5.93 10.66
C ASP A 32 1.02 -4.68 10.62
N LEU A 33 1.58 -4.32 9.51
CA LEU A 33 2.39 -3.10 9.33
C LEU A 33 1.50 -1.83 9.35
N LEU A 34 0.39 -1.93 8.70
CA LEU A 34 -0.53 -0.80 8.75
C LEU A 34 -0.99 -0.56 10.18
N LEU A 35 -1.23 -1.64 10.90
CA LEU A 35 -1.64 -1.53 12.30
C LEU A 35 -0.56 -0.84 13.15
N GLU A 36 0.70 -1.14 12.90
CA GLU A 36 1.80 -0.44 13.59
C GLU A 36 1.84 1.06 13.29
N GLU A 37 1.72 1.42 12.01
CA GLU A 37 1.62 2.86 11.63
C GLU A 37 0.46 3.58 12.30
N LEU A 38 -0.74 2.99 12.24
CA LEU A 38 -1.90 3.58 12.89
C LEU A 38 -1.74 3.73 14.40
N SER A 39 -1.15 2.72 15.02
CA SER A 39 -1.03 2.67 16.47
CA SER A 39 -1.05 2.70 16.47
C SER A 39 -0.07 3.74 16.95
N ALA A 40 0.96 4.04 16.15
CA ALA A 40 1.87 5.12 16.50
C ALA A 40 1.20 6.50 16.32
N LEU A 41 0.27 6.58 15.36
CA LEU A 41 -0.47 7.81 15.14
C LEU A 41 -1.56 7.99 16.23
N TYR A 42 -2.28 6.89 16.54
CA TYR A 42 -3.39 6.93 17.49
C TYR A 42 -3.21 5.88 18.55
N PRO A 43 -2.45 6.17 19.63
CA PRO A 43 -2.33 5.19 20.70
C PRO A 43 -3.66 4.91 21.35
N GLY A 44 -3.82 3.73 21.92
CA GLY A 44 -5.06 3.38 22.60
C GLY A 44 -5.48 1.99 22.18
N GLU A 45 -6.56 1.48 22.75
CA GLU A 45 -6.89 0.08 22.56
C GLU A 45 -8.14 -0.09 21.68
N GLY A 46 -8.46 -1.34 21.34
CA GLY A 46 -9.63 -1.63 20.52
C GLY A 46 -9.39 -1.67 19.01
N ALA A 47 -8.13 -1.64 18.55
CA ALA A 47 -7.88 -1.79 17.12
C ALA A 47 -8.37 -3.16 16.61
N GLU A 48 -8.87 -3.18 15.36
CA GLU A 48 -9.33 -4.43 14.74
C GLU A 48 -8.65 -4.64 13.39
N VAL A 49 -8.26 -5.88 13.11
CA VAL A 49 -7.54 -6.27 11.86
C VAL A 49 -8.38 -7.33 11.16
N ASP A 50 -8.62 -7.16 9.87
CA ASP A 50 -9.28 -8.23 9.11
C ASP A 50 -8.22 -8.99 8.32
N ALA A 51 -7.79 -10.13 8.87
CA ALA A 51 -6.67 -10.95 8.36
C ALA A 51 -6.92 -11.28 6.90
N ARG A 52 -5.93 -11.00 6.05
CA ARG A 52 -5.98 -11.38 4.64
C ARG A 52 -6.94 -10.52 3.80
N LYS A 53 -7.52 -9.50 4.41
CA LYS A 53 -8.45 -8.60 3.73
C LYS A 53 -7.86 -7.19 3.48
N GLY A 54 -6.70 -6.90 4.02
CA GLY A 54 -6.14 -5.57 3.82
C GLY A 54 -6.88 -4.45 4.56
N ARG A 55 -7.45 -4.72 5.74
CA ARG A 55 -8.22 -3.63 6.41
C ARG A 55 -7.80 -3.58 7.87
N VAL A 56 -7.62 -2.38 8.40
CA VAL A 56 -7.51 -2.18 9.86
C VAL A 56 -8.49 -1.10 10.29
N ARG A 57 -9.12 -1.28 11.45
CA ARG A 57 -10.06 -0.24 11.99
C ARG A 57 -9.58 0.16 13.37
N ILE A 58 -9.67 1.47 13.67
CA ILE A 58 -9.34 2.05 14.98
C ILE A 58 -10.63 2.81 15.42
N PRO A 59 -11.13 2.57 16.66
CA PRO A 59 -12.21 3.43 17.16
C PRO A 59 -11.72 4.86 17.38
N ARG A 60 -12.46 5.84 16.89
CA ARG A 60 -11.98 7.22 16.96
C ARG A 60 -13.17 8.15 17.24
N ALA A 61 -12.99 9.10 18.15
CA ALA A 61 -14.00 10.16 18.36
C ALA A 61 -13.85 11.30 17.29
N TRP A 62 -12.68 11.35 16.67
CA TRP A 62 -12.37 12.38 15.67
C TRP A 62 -11.21 11.94 14.77
N VAL A 63 -11.28 12.29 13.49
CA VAL A 63 -10.19 12.02 12.55
C VAL A 63 -9.85 13.33 11.82
N GLY A 64 -8.64 13.83 11.99
CA GLY A 64 -8.19 15.01 11.24
C GLY A 64 -7.22 14.67 10.10
N GLU A 65 -6.38 15.65 9.73
CA GLU A 65 -5.58 15.59 8.52
C GLU A 65 -4.39 14.68 8.74
N GLU A 66 -4.08 14.43 10.00
CA GLU A 66 -3.00 13.55 10.40
C GLU A 66 -3.13 12.14 9.77
N ALA A 67 -4.36 11.71 9.54
CA ALA A 67 -4.59 10.38 8.99
C ALA A 67 -4.08 10.34 7.54
N LEU A 68 -4.09 11.49 6.88
CA LEU A 68 -3.64 11.49 5.48
C LEU A 68 -2.13 11.35 5.31
N GLY A 69 -1.39 11.26 6.40
CA GLY A 69 0.07 11.12 6.38
C GLY A 69 0.50 9.66 6.38
N LEU A 70 -0.48 8.75 6.39
CA LEU A 70 -0.20 7.30 6.46
C LEU A 70 0.49 6.86 5.18
N ARG A 71 1.59 6.12 5.32
CA ARG A 71 2.32 5.64 4.17
C ARG A 71 1.98 4.20 3.79
N LEU A 72 1.22 3.48 4.61
CA LEU A 72 0.84 2.14 4.21
C LEU A 72 -0.63 2.04 3.79
N ALA A 73 -1.33 3.17 3.65
CA ALA A 73 -2.75 3.11 3.36
C ALA A 73 -3.06 3.46 1.92
N HIS A 74 -4.08 2.81 1.37
CA HIS A 74 -4.60 3.21 0.07
CA HIS A 74 -4.62 3.16 0.04
C HIS A 74 -5.76 4.19 0.25
N HIS A 75 -6.84 3.76 0.90
CA HIS A 75 -8.04 4.59 1.16
C HIS A 75 -8.35 4.65 2.66
N LEU A 76 -8.97 5.76 3.07
CA LEU A 76 -9.48 5.91 4.42
C LEU A 76 -11.02 6.17 4.36
N VAL A 77 -11.74 5.50 5.24
CA VAL A 77 -13.22 5.70 5.43
C VAL A 77 -13.49 6.00 6.90
N LEU A 78 -14.30 7.00 7.19
CA LEU A 78 -14.83 7.18 8.54
C LEU A 78 -16.19 6.54 8.63
N PHE A 79 -16.31 5.45 9.41
CA PHE A 79 -17.59 4.80 9.61
C PHE A 79 -18.20 5.44 10.83
N ARG A 80 -19.34 6.11 10.64
CA ARG A 80 -20.07 6.74 11.73
C ARG A 80 -21.08 5.83 12.41
N ALA A 81 -21.41 4.70 11.82
CA ALA A 81 -22.28 3.73 12.51
C ALA A 81 -21.82 2.35 12.18
N ARG A 82 -21.96 1.47 13.15
CA ARG A 82 -21.83 0.04 12.88
C ARG A 82 -23.01 -0.62 13.57
N LEU A 83 -23.73 -1.45 12.84
CA LEU A 83 -24.88 -2.12 13.43
C LEU A 83 -25.12 -3.53 12.95
N LEU A 84 -25.84 -4.25 13.80
CA LEU A 84 -26.22 -5.62 13.54
C LEU A 84 -27.42 -5.53 12.62
N LEU A 85 -27.32 -6.15 11.45
CA LEU A 85 -28.37 -6.01 10.47
C LEU A 85 -29.44 -7.04 10.76
N SER A 86 -30.61 -6.41 10.83
CA SER A 86 -31.89 -6.94 11.15
C SER A 86 -32.35 -7.51 9.85
N ARG A 87 -32.64 -8.82 9.99
CA ARG A 87 -32.97 -9.81 8.92
C ARG A 87 -34.38 -9.65 8.43
N GLU A 88 -35.19 -9.21 9.34
CA GLU A 88 -36.36 -8.39 9.02
C GLU A 88 -35.88 -7.10 8.30
N ASP A 89 -36.37 -6.90 7.07
CA ASP A 89 -36.23 -5.63 6.36
C ASP A 89 -34.83 -5.00 6.44
N PRO A 90 -33.81 -5.73 5.94
CA PRO A 90 -32.47 -5.17 6.07
C PRO A 90 -32.28 -3.87 5.29
N LEU A 91 -32.93 -3.72 4.14
CA LEU A 91 -32.79 -2.45 3.39
C LEU A 91 -33.39 -1.27 4.15
N GLY A 92 -34.56 -1.48 4.74
CA GLY A 92 -35.21 -0.46 5.58
C GLY A 92 -34.31 -0.06 6.76
N ALA A 93 -33.67 -1.04 7.38
CA ALA A 93 -32.82 -0.75 8.53
C ALA A 93 -31.61 0.08 8.12
N LEU A 94 -31.01 -0.22 6.96
CA LEU A 94 -29.88 0.57 6.45
C LEU A 94 -30.29 2.01 6.16
N GLU A 95 -31.46 2.17 5.51
CA GLU A 95 -31.95 3.49 5.17
C GLU A 95 -32.18 4.32 6.45
N ARG A 96 -32.82 3.71 7.45
CA ARG A 96 -33.00 4.37 8.75
C ARG A 96 -31.70 4.70 9.47
N ALA A 97 -30.73 3.78 9.47
CA ALA A 97 -29.40 4.06 10.01
C ALA A 97 -28.74 5.23 9.30
N ALA A 98 -28.75 5.25 7.96
CA ALA A 98 -28.13 6.38 7.22
C ALA A 98 -28.78 7.73 7.59
N LEU A 99 -30.12 7.74 7.64
CA LEU A 99 -30.85 8.96 7.96
C LEU A 99 -30.66 9.41 9.42
N ALA A 100 -30.24 8.54 10.33
CA ALA A 100 -29.99 8.96 11.70
C ALA A 100 -28.59 9.57 11.91
N LEU A 101 -27.72 9.48 10.89
CA LEU A 101 -26.35 10.02 10.96
C LEU A 101 -26.26 11.47 10.43
N PRO A 102 -25.23 12.23 10.87
CA PRO A 102 -24.85 13.51 10.23
C PRO A 102 -24.02 13.30 8.96
N TRP A 103 -24.18 14.16 7.96
CA TRP A 103 -23.37 14.12 6.73
C TRP A 103 -22.92 15.54 6.33
N PRO A 104 -22.09 16.17 7.18
CA PRO A 104 -21.67 17.54 6.89
C PRO A 104 -20.82 17.68 5.60
N GLU A 105 -20.25 16.58 5.12
CA GLU A 105 -19.40 16.56 3.90
C GLU A 105 -20.21 16.95 2.69
N LEU A 106 -21.51 16.69 2.75
CA LEU A 106 -22.37 16.94 1.61
C LEU A 106 -22.49 18.47 1.49
N GLU A 107 -21.73 19.15 2.35
CA GLU A 107 -21.70 20.61 2.49
C GLU A 107 -21.40 21.21 1.12
N GLY A 108 -20.16 21.66 0.96
CA GLY A 108 -19.80 22.37 -0.27
C GLY A 108 -19.65 21.40 -1.42
N ALA A 109 -20.02 20.13 -1.21
CA ALA A 109 -19.68 19.09 -2.19
C ALA A 109 -20.49 19.20 -3.48
N GLY A 110 -21.81 19.27 -3.38
CA GLY A 110 -22.63 19.43 -4.57
C GLY A 110 -22.72 18.29 -5.59
N SER A 111 -22.14 17.14 -5.27
CA SER A 111 -22.62 15.87 -5.85
C SER A 111 -22.13 14.72 -4.99
N PHE A 112 -22.81 13.58 -5.05
CA PHE A 112 -22.31 12.40 -4.31
C PHE A 112 -22.69 11.11 -5.00
N ARG A 113 -22.19 9.98 -4.46
CA ARG A 113 -22.77 8.69 -4.80
C ARG A 113 -22.61 7.80 -3.60
N VAL A 114 -23.30 6.66 -3.58
CA VAL A 114 -23.11 5.62 -2.56
C VAL A 114 -22.32 4.47 -3.24
N GLU A 115 -21.31 3.97 -2.54
CA GLU A 115 -20.59 2.77 -2.98
C GLU A 115 -20.84 1.73 -1.90
N ALA A 116 -21.57 0.67 -2.27
CA ALA A 116 -21.85 -0.39 -1.28
C ALA A 116 -21.07 -1.63 -1.59
N ARG A 117 -20.62 -2.36 -0.57
CA ARG A 117 -19.88 -3.60 -0.79
C ARG A 117 -20.48 -4.62 0.19
N ARG A 118 -20.43 -5.89 -0.19
CA ARG A 118 -20.99 -6.97 0.63
C ARG A 118 -19.98 -8.08 0.75
N GLU A 119 -19.93 -8.69 1.93
CA GLU A 119 -19.26 -9.95 2.16
C GLU A 119 -20.24 -10.88 2.89
N GLY A 120 -20.34 -12.12 2.43
CA GLY A 120 -21.32 -13.07 2.95
C GLY A 120 -22.56 -13.16 2.08
N GLU A 121 -23.51 -14.00 2.45
CA GLU A 121 -24.74 -14.17 1.68
C GLU A 121 -25.81 -13.24 2.25
N HIS A 122 -26.53 -12.55 1.35
CA HIS A 122 -27.62 -11.64 1.73
C HIS A 122 -28.70 -11.72 0.67
N PRO A 123 -29.97 -11.50 1.05
CA PRO A 123 -31.05 -11.53 0.05
C PRO A 123 -31.13 -10.25 -0.80
N PHE A 124 -30.15 -9.35 -0.72
CA PHE A 124 -30.15 -8.13 -1.54
C PHE A 124 -28.77 -7.97 -2.20
N THR A 125 -28.69 -7.15 -3.25
CA THR A 125 -27.41 -6.86 -3.90
C THR A 125 -26.86 -5.49 -3.52
N SER A 126 -25.61 -5.22 -3.87
CA SER A 126 -25.00 -3.94 -3.55
C SER A 126 -25.69 -2.76 -4.28
N PRO A 127 -26.00 -2.93 -5.58
CA PRO A 127 -26.78 -1.85 -6.23
C PRO A 127 -28.11 -1.53 -5.53
N GLU A 128 -28.81 -2.50 -4.97
CA GLU A 128 -30.06 -2.19 -4.19
C GLU A 128 -29.80 -1.27 -2.98
N VAL A 129 -28.69 -1.54 -2.28
CA VAL A 129 -28.30 -0.76 -1.13
C VAL A 129 -27.97 0.66 -1.60
N GLU A 130 -27.20 0.78 -2.67
CA GLU A 130 -26.89 2.10 -3.22
C GLU A 130 -28.13 2.88 -3.59
N ARG A 131 -29.09 2.24 -4.20
CA ARG A 131 -30.28 2.97 -4.59
CA ARG A 131 -30.27 2.98 -4.59
C ARG A 131 -31.08 3.42 -3.38
N ARG A 132 -31.34 2.50 -2.45
CA ARG A 132 -32.18 2.82 -1.28
C ARG A 132 -31.52 3.92 -0.38
N VAL A 133 -30.25 3.75 -0.08
CA VAL A 133 -29.50 4.73 0.71
C VAL A 133 -29.32 6.08 -0.03
N GLY A 134 -28.87 6.04 -1.27
CA GLY A 134 -28.69 7.23 -2.10
C GLY A 134 -29.95 8.05 -2.30
N GLU A 135 -31.08 7.41 -2.58
CA GLU A 135 -32.33 8.14 -2.78
C GLU A 135 -32.79 8.76 -1.48
N ALA A 136 -32.55 8.09 -0.35
CA ALA A 136 -32.93 8.64 0.97
C ALA A 136 -32.09 9.89 1.27
N LEU A 137 -30.79 9.81 0.99
CA LEU A 137 -29.93 10.98 1.18
C LEU A 137 -30.23 12.10 0.23
N HIS A 138 -30.48 11.79 -1.03
CA HIS A 138 -30.77 12.82 -2.03
C HIS A 138 -32.04 13.56 -1.60
N ARG A 139 -33.00 12.81 -1.08
CA ARG A 139 -34.26 13.42 -0.65
C ARG A 139 -34.10 14.31 0.60
N ALA A 140 -33.22 13.90 1.54
CA ALA A 140 -32.99 14.68 2.78
C ALA A 140 -32.08 15.89 2.54
N TYR A 141 -31.12 15.75 1.61
CA TYR A 141 -30.02 16.72 1.42
C TYR A 141 -30.14 17.54 0.10
N GLY A 142 -30.87 17.05 -0.86
CA GLY A 142 -31.02 17.78 -2.12
C GLY A 142 -29.84 17.74 -3.08
N VAL A 143 -28.70 17.19 -2.64
CA VAL A 143 -27.48 17.11 -3.46
C VAL A 143 -27.67 16.04 -4.58
N PRO A 144 -27.25 16.33 -5.83
CA PRO A 144 -27.47 15.33 -6.88
C PRO A 144 -26.50 14.16 -6.83
N VAL A 145 -27.00 12.99 -7.23
CA VAL A 145 -26.15 11.82 -7.43
C VAL A 145 -25.33 11.97 -8.71
N ASP A 146 -24.02 11.77 -8.63
CA ASP A 146 -23.17 11.73 -9.83
C ASP A 146 -22.32 10.47 -9.81
N LEU A 147 -22.66 9.49 -10.67
CA LEU A 147 -22.02 8.18 -10.60
C LEU A 147 -20.52 8.19 -11.00
N LYS A 148 -20.18 8.95 -12.03
CA LYS A 148 -18.82 8.97 -12.57
C LYS A 148 -17.87 9.88 -11.82
N ARG A 149 -18.31 11.11 -11.53
CA ARG A 149 -17.48 12.12 -10.86
C ARG A 149 -18.11 12.63 -9.55
N PRO A 150 -18.45 11.72 -8.61
CA PRO A 150 -19.01 12.20 -7.34
C PRO A 150 -17.99 13.06 -6.59
N ALA A 151 -18.43 14.18 -6.05
CA ALA A 151 -17.60 14.95 -5.13
C ALA A 151 -17.37 14.30 -3.76
N VAL A 152 -18.32 13.48 -3.28
CA VAL A 152 -18.14 12.80 -1.98
C VAL A 152 -18.65 11.39 -2.20
N ARG A 153 -17.98 10.40 -1.60
CA ARG A 153 -18.42 9.03 -1.72
CA ARG A 153 -18.40 9.01 -1.72
C ARG A 153 -18.91 8.52 -0.39
N VAL A 154 -20.19 8.22 -0.33
CA VAL A 154 -20.81 7.57 0.85
C VAL A 154 -20.53 6.07 0.76
N ARG A 155 -20.12 5.46 1.86
CA ARG A 155 -19.74 4.05 1.90
C ARG A 155 -20.69 3.28 2.82
N VAL A 156 -21.25 2.20 2.31
CA VAL A 156 -22.00 1.25 3.12
C VAL A 156 -21.39 -0.14 2.88
N ASP A 157 -20.86 -0.76 3.92
CA ASP A 157 -20.26 -2.09 3.73
C ASP A 157 -21.03 -3.06 4.62
N VAL A 158 -21.52 -4.13 4.02
CA VAL A 158 -22.21 -5.15 4.78
C VAL A 158 -21.31 -6.39 4.85
N ARG A 159 -20.98 -6.80 6.07
CA ARG A 159 -20.03 -7.89 6.25
C ARG A 159 -20.63 -8.90 7.20
N GLY A 160 -21.05 -10.03 6.66
CA GLY A 160 -21.80 -11.00 7.45
C GLY A 160 -23.05 -10.35 8.01
N GLU A 161 -23.20 -10.38 9.33
CA GLU A 161 -24.38 -9.82 9.98
C GLU A 161 -24.26 -8.34 10.36
N GLU A 162 -23.08 -7.74 10.25
CA GLU A 162 -22.95 -6.30 10.60
C GLU A 162 -22.87 -5.36 9.39
N ALA A 163 -23.25 -4.12 9.59
CA ALA A 163 -23.11 -3.13 8.54
C ALA A 163 -22.43 -1.87 9.09
N PHE A 164 -21.67 -1.23 8.23
CA PHE A 164 -20.86 -0.04 8.55
C PHE A 164 -21.31 1.02 7.57
N LEU A 165 -21.54 2.24 8.05
CA LEU A 165 -21.97 3.35 7.18
C LEU A 165 -21.14 4.57 7.50
N GLY A 166 -20.71 5.28 6.45
CA GLY A 166 -19.90 6.49 6.64
C GLY A 166 -19.46 7.10 5.33
N VAL A 167 -18.31 7.78 5.34
CA VAL A 167 -17.89 8.60 4.23
C VAL A 167 -16.41 8.32 3.95
N GLN A 168 -16.09 8.12 2.67
CA GLN A 168 -14.71 8.05 2.24
C GLN A 168 -13.98 9.37 2.47
N LEU A 169 -12.81 9.32 3.11
CA LEU A 169 -12.09 10.57 3.42
C LEU A 169 -11.13 10.94 2.31
N THR A 170 -10.63 9.93 1.61
CA THR A 170 -9.67 10.12 0.53
C THR A 170 -10.42 10.20 -0.80
N GLU A 171 -10.05 11.13 -1.67
CA GLU A 171 -10.58 11.16 -3.04
C GLU A 171 -9.74 10.22 -3.90
N ARG A 172 -8.50 10.62 -4.16
CA ARG A 172 -7.54 9.73 -4.77
C ARG A 172 -6.83 8.93 -3.63
N PRO A 173 -6.43 7.68 -3.91
CA PRO A 173 -5.69 6.93 -2.91
C PRO A 173 -4.39 7.64 -2.49
N LEU A 174 -4.01 7.49 -1.23
CA LEU A 174 -2.80 8.12 -0.70
C LEU A 174 -1.55 7.55 -1.36
N SER A 175 -1.71 6.41 -1.98
CA SER A 175 -0.63 5.78 -2.66
C SER A 175 -0.32 6.41 -4.03
N ARG A 176 -1.10 7.41 -4.44
CA ARG A 176 -0.78 8.17 -5.67
C ARG A 176 0.32 9.24 -5.50
N ARG A 177 1.17 9.09 -4.49
CA ARG A 177 2.37 9.91 -4.41
C ARG A 177 3.39 9.52 -5.49
N PHE A 178 4.27 10.46 -5.84
CA PHE A 178 5.30 10.27 -6.84
C PHE A 178 4.76 9.84 -8.21
N PRO A 179 3.78 10.60 -8.77
CA PRO A 179 3.11 10.20 -10.01
C PRO A 179 4.08 10.19 -11.21
N LYS A 180 5.12 11.02 -11.19
CA LYS A 180 6.11 10.99 -12.26
C LYS A 180 6.81 9.62 -12.36
N ALA A 181 6.93 8.90 -11.25
CA ALA A 181 7.48 7.55 -11.30
C ALA A 181 6.42 6.46 -11.57
N ALA A 182 5.14 6.83 -11.67
CA ALA A 182 4.03 5.85 -11.66
C ALA A 182 3.50 5.44 -13.04
N LEU A 183 2.46 4.59 -13.02
CA LEU A 183 1.99 3.92 -14.23
C LEU A 183 2.93 2.76 -14.55
N ARG A 184 4.12 2.82 -13.94
CA ARG A 184 5.08 1.72 -13.93
C ARG A 184 5.41 1.33 -12.48
N GLY A 185 5.11 0.10 -12.08
CA GLY A 185 4.33 -0.79 -12.93
C GLY A 185 3.05 -1.18 -12.20
N SER A 186 3.07 -2.37 -11.61
CA SER A 186 2.07 -2.70 -10.59
C SER A 186 2.55 -2.25 -9.19
N LEU A 187 3.77 -1.70 -9.12
CA LEU A 187 4.44 -1.52 -7.82
C LEU A 187 4.15 -0.18 -7.12
N THR A 188 3.34 -0.21 -6.06
CA THR A 188 2.86 1.04 -5.49
C THR A 188 3.89 1.58 -4.49
N PRO A 189 3.79 2.88 -4.17
CA PRO A 189 4.59 3.36 -3.02
C PRO A 189 4.26 2.64 -1.70
N VAL A 190 3.04 2.13 -1.54
CA VAL A 190 2.68 1.38 -0.32
C VAL A 190 3.52 0.07 -0.18
N LEU A 191 3.63 -0.68 -1.26
CA LEU A 191 4.48 -1.85 -1.29
C LEU A 191 5.96 -1.53 -1.09
N ALA A 192 6.42 -0.45 -1.69
CA ALA A 192 7.79 0.03 -1.43
C ALA A 192 8.04 0.36 0.06
N GLN A 193 7.11 1.07 0.68
CA GLN A 193 7.20 1.39 2.14
C GLN A 193 7.22 0.10 3.00
N ALA A 194 6.41 -0.89 2.59
CA ALA A 194 6.42 -2.19 3.27
C ALA A 194 7.77 -2.91 3.16
N LEU A 195 8.40 -2.89 1.98
CA LEU A 195 9.76 -3.50 1.87
C LEU A 195 10.75 -2.82 2.83
N LEU A 196 10.69 -1.49 2.85
CA LEU A 196 11.50 -0.67 3.75
CA LEU A 196 11.55 -0.71 3.75
C LEU A 196 11.37 -1.12 5.22
N ARG A 197 10.11 -1.22 5.68
CA ARG A 197 9.81 -1.66 7.04
C ARG A 197 10.16 -3.12 7.32
N LEU A 198 9.85 -4.01 6.37
CA LEU A 198 10.18 -5.43 6.56
C LEU A 198 11.70 -5.65 6.63
N ALA A 199 12.47 -4.82 5.94
CA ALA A 199 13.94 -4.88 5.97
C ALA A 199 14.53 -4.13 7.18
N ASP A 200 13.66 -3.52 7.96
CA ASP A 200 14.05 -2.76 9.15
C ASP A 200 15.11 -1.71 8.76
N ALA A 201 14.84 -0.95 7.69
CA ALA A 201 15.71 0.18 7.33
C ALA A 201 15.42 1.39 8.24
N ARG A 202 16.46 2.08 8.71
CA ARG A 202 16.34 3.21 9.63
C ARG A 202 17.22 4.35 9.15
N PRO A 203 16.85 5.61 9.49
CA PRO A 203 17.63 6.78 9.08
C PRO A 203 19.12 6.64 9.38
N GLY A 204 19.96 6.94 8.39
CA GLY A 204 21.41 6.79 8.57
C GLY A 204 21.95 5.56 7.83
N MET A 205 21.10 4.55 7.54
CA MET A 205 21.51 3.35 6.81
C MET A 205 21.62 3.60 5.32
N ARG A 206 22.58 2.91 4.70
CA ARG A 206 22.79 2.95 3.24
C ARG A 206 21.80 1.99 2.59
N VAL A 207 21.14 2.44 1.53
CA VAL A 207 20.05 1.60 0.96
C VAL A 207 20.28 1.50 -0.53
N LEU A 208 20.11 0.29 -1.10
CA LEU A 208 20.22 0.14 -2.57
C LEU A 208 18.90 -0.36 -3.14
N ASP A 209 18.45 0.27 -4.23
CA ASP A 209 17.30 -0.21 -5.06
C ASP A 209 17.83 -0.75 -6.41
N PRO A 210 18.07 -2.08 -6.52
CA PRO A 210 18.85 -2.56 -7.67
C PRO A 210 18.06 -2.74 -8.97
N PHE A 211 16.72 -2.70 -8.91
CA PHE A 211 15.90 -2.72 -10.14
C PHE A 211 14.97 -1.51 -10.09
N THR A 212 15.50 -0.33 -10.35
CA THR A 212 14.76 0.83 -9.82
C THR A 212 13.60 1.21 -10.73
N GLY A 213 13.70 0.89 -12.03
CA GLY A 213 12.71 1.35 -13.01
C GLY A 213 12.58 2.88 -12.99
N SER A 214 11.34 3.39 -12.89
CA SER A 214 11.14 4.83 -12.83
C SER A 214 11.26 5.41 -11.41
N GLY A 215 11.71 4.61 -10.45
CA GLY A 215 12.33 5.15 -9.25
C GLY A 215 11.51 4.96 -7.98
N THR A 216 10.36 4.29 -8.04
CA THR A 216 9.42 4.26 -6.89
C THR A 216 10.01 3.84 -5.55
N ILE A 217 10.79 2.76 -5.54
CA ILE A 217 11.38 2.29 -4.28
C ILE A 217 12.43 3.27 -3.73
N ALA A 218 13.29 3.80 -4.61
CA ALA A 218 14.28 4.80 -4.20
C ALA A 218 13.64 6.07 -3.62
N LEU A 219 12.56 6.55 -4.24
CA LEU A 219 11.93 7.78 -3.82
C LEU A 219 11.26 7.53 -2.48
N GLU A 220 10.54 6.39 -2.34
CA GLU A 220 9.92 6.05 -1.06
C GLU A 220 10.95 5.99 0.09
N ALA A 221 12.07 5.34 -0.18
CA ALA A 221 13.15 5.23 0.79
C ALA A 221 13.70 6.64 1.16
N ALA A 222 14.04 7.44 0.15
CA ALA A 222 14.62 8.79 0.40
C ALA A 222 13.65 9.67 1.17
N SER A 223 12.37 9.61 0.79
CA SER A 223 11.34 10.44 1.41
CA SER A 223 11.38 10.47 1.42
C SER A 223 11.15 10.03 2.87
N THR A 224 11.27 8.73 3.16
CA THR A 224 11.06 8.22 4.52
C THR A 224 12.29 8.38 5.43
N LEU A 225 13.48 8.07 4.91
CA LEU A 225 14.70 8.02 5.73
C LEU A 225 15.39 9.39 5.86
N GLY A 226 15.13 10.26 4.88
CA GLY A 226 15.75 11.63 4.86
C GLY A 226 17.22 11.59 4.45
N PRO A 227 17.88 12.77 4.38
CA PRO A 227 19.16 12.88 3.67
C PRO A 227 20.37 12.23 4.39
N THR A 228 20.23 11.81 5.66
CA THR A 228 21.34 11.12 6.31
C THR A 228 21.50 9.67 5.80
N SER A 229 20.55 9.16 5.02
CA SER A 229 20.72 7.83 4.44
C SER A 229 21.13 7.97 2.97
N PRO A 230 22.35 7.51 2.63
CA PRO A 230 22.70 7.39 1.20
C PRO A 230 21.78 6.38 0.47
N VAL A 231 21.22 6.79 -0.67
CA VAL A 231 20.31 5.91 -1.45
C VAL A 231 20.90 5.74 -2.85
N TYR A 232 21.13 4.49 -3.23
CA TYR A 232 21.71 4.12 -4.53
C TYR A 232 20.59 3.41 -5.30
N ALA A 233 20.52 3.59 -6.61
CA ALA A 233 19.43 3.03 -7.36
C ALA A 233 19.94 2.76 -8.75
N GLY A 234 19.61 1.58 -9.30
CA GLY A 234 20.20 1.21 -10.57
C GLY A 234 19.19 0.66 -11.53
N ASP A 235 19.46 0.84 -12.83
CA ASP A 235 18.64 0.20 -13.83
C ASP A 235 19.38 0.21 -15.17
N LEU A 236 18.97 -0.66 -16.10
CA LEU A 236 19.58 -0.65 -17.43
C LEU A 236 18.92 0.33 -18.40
N ASP A 237 17.67 0.70 -18.14
CA ASP A 237 16.92 1.57 -19.07
C ASP A 237 17.17 3.08 -18.80
N GLU A 238 17.95 3.74 -19.68
CA GLU A 238 18.27 5.15 -19.46
C GLU A 238 17.06 6.07 -19.45
N LYS A 239 16.07 5.74 -20.27
CA LYS A 239 14.83 6.49 -20.33
C LYS A 239 14.12 6.52 -18.98
N ARG A 240 14.00 5.35 -18.34
CA ARG A 240 13.34 5.27 -17.07
C ARG A 240 14.17 5.95 -15.98
N LEU A 241 15.50 5.92 -16.08
CA LEU A 241 16.35 6.68 -15.18
C LEU A 241 16.13 8.19 -15.32
N GLY A 242 15.87 8.66 -16.54
CA GLY A 242 15.56 10.08 -16.79
C GLY A 242 14.31 10.49 -16.03
N LEU A 243 13.27 9.65 -16.08
CA LEU A 243 12.03 9.89 -15.35
C LEU A 243 12.28 9.87 -13.86
N ALA A 244 13.03 8.89 -13.37
CA ALA A 244 13.31 8.79 -11.95
C ALA A 244 13.99 10.06 -11.42
N ARG A 245 15.00 10.53 -12.15
CA ARG A 245 15.69 11.79 -11.77
C ARG A 245 14.76 12.99 -11.73
N GLU A 246 13.89 13.09 -12.74
CA GLU A 246 12.86 14.13 -12.77
C GLU A 246 11.93 14.09 -11.54
N ALA A 247 11.48 12.88 -11.22
CA ALA A 247 10.64 12.70 -10.05
C ALA A 247 11.35 13.04 -8.75
N ALA A 248 12.62 12.63 -8.63
CA ALA A 248 13.40 12.96 -7.42
C ALA A 248 13.48 14.47 -7.24
N LEU A 249 13.81 15.20 -8.31
CA LEU A 249 13.87 16.65 -8.24
C LEU A 249 12.50 17.28 -7.84
N ALA A 250 11.41 16.79 -8.43
CA ALA A 250 10.09 17.40 -8.21
C ALA A 250 9.65 17.31 -6.73
N SER A 251 10.10 16.27 -6.03
CA SER A 251 9.78 16.15 -4.61
C SER A 251 10.91 16.52 -3.65
N GLY A 252 12.00 17.11 -4.13
CA GLY A 252 13.10 17.55 -3.26
C GLY A 252 14.02 16.42 -2.77
N LEU A 253 14.11 15.35 -3.54
CA LEU A 253 14.82 14.15 -3.10
C LEU A 253 16.05 13.91 -3.98
N SER A 254 16.78 14.97 -4.26
CA SER A 254 17.84 14.90 -5.22
C SER A 254 19.14 14.26 -4.79
N TRP A 255 19.29 13.85 -3.54
CA TRP A 255 20.51 13.19 -3.17
C TRP A 255 20.56 11.72 -3.63
N ILE A 256 19.49 11.18 -4.20
CA ILE A 256 19.53 9.76 -4.65
C ILE A 256 20.57 9.64 -5.79
N ARG A 257 21.42 8.61 -5.74
CA ARG A 257 22.39 8.38 -6.81
C ARG A 257 21.79 7.38 -7.74
N PHE A 258 21.24 7.85 -8.86
CA PHE A 258 20.70 6.95 -9.90
C PHE A 258 21.81 6.63 -10.91
N LEU A 259 21.96 5.37 -11.25
CA LEU A 259 23.08 4.95 -12.08
C LEU A 259 22.61 3.89 -13.07
N ARG A 260 23.11 3.95 -14.30
CA ARG A 260 22.87 2.88 -15.25
C ARG A 260 23.71 1.69 -14.79
N ALA A 261 23.05 0.55 -14.53
CA ALA A 261 23.69 -0.53 -13.78
C ALA A 261 23.01 -1.86 -14.08
N ASP A 262 23.82 -2.90 -14.24
CA ASP A 262 23.30 -4.24 -14.49
C ASP A 262 23.22 -4.95 -13.14
N ALA A 263 22.01 -5.34 -12.73
CA ALA A 263 21.82 -6.03 -11.45
C ALA A 263 22.47 -7.41 -11.36
N ARG A 264 22.92 -7.96 -12.48
CA ARG A 264 23.69 -9.22 -12.45
C ARG A 264 25.14 -8.99 -12.02
N HIS A 265 25.60 -7.73 -12.05
CA HIS A 265 26.97 -7.39 -11.68
C HIS A 265 27.04 -6.17 -10.75
N LEU A 266 26.22 -6.18 -9.71
CA LEU A 266 26.10 -5.05 -8.77
C LEU A 266 27.40 -4.47 -8.23
N PRO A 267 28.38 -5.35 -7.89
CA PRO A 267 29.64 -4.76 -7.41
C PRO A 267 30.46 -3.95 -8.45
N ARG A 268 30.13 -4.01 -9.74
CA ARG A 268 30.79 -3.17 -10.75
CA ARG A 268 30.79 -3.17 -10.75
C ARG A 268 30.34 -1.69 -10.57
N PHE A 269 29.25 -1.49 -9.83
CA PHE A 269 28.53 -0.20 -9.83
C PHE A 269 28.28 0.42 -8.45
N PHE A 270 28.07 -0.41 -7.44
CA PHE A 270 27.68 0.08 -6.12
C PHE A 270 28.62 -0.36 -5.02
N PRO A 271 28.75 0.43 -3.96
CA PRO A 271 29.56 0.07 -2.80
C PRO A 271 28.75 -0.76 -1.81
N GLU A 272 29.38 -1.14 -0.70
CA GLU A 272 28.63 -1.85 0.35
C GLU A 272 27.43 -0.98 0.83
N VAL A 273 26.34 -1.63 1.20
CA VAL A 273 25.17 -0.94 1.76
C VAL A 273 24.63 -1.75 2.95
N ASP A 274 23.60 -1.25 3.64
CA ASP A 274 23.05 -1.96 4.80
C ASP A 274 21.80 -2.74 4.43
N ARG A 275 21.05 -2.21 3.47
CA ARG A 275 19.72 -2.74 3.12
C ARG A 275 19.56 -2.70 1.61
N ILE A 276 19.00 -3.77 1.05
CA ILE A 276 18.75 -3.84 -0.40
C ILE A 276 17.26 -4.16 -0.57
N LEU A 277 16.54 -3.33 -1.32
CA LEU A 277 15.10 -3.50 -1.47
C LEU A 277 14.85 -3.80 -2.94
N ALA A 278 14.43 -5.02 -3.25
CA ALA A 278 14.60 -5.55 -4.61
C ALA A 278 13.25 -6.03 -5.19
N ASN A 279 12.94 -5.55 -6.40
CA ASN A 279 11.71 -5.90 -7.09
C ASN A 279 12.15 -6.37 -8.48
N PRO A 280 12.60 -7.62 -8.60
CA PRO A 280 13.15 -8.11 -9.90
C PRO A 280 12.07 -8.17 -11.01
N PRO A 281 12.47 -8.11 -12.29
CA PRO A 281 11.43 -8.18 -13.34
C PRO A 281 10.71 -9.53 -13.32
N HIS A 282 9.48 -9.58 -13.87
CA HIS A 282 8.67 -10.79 -13.90
C HIS A 282 9.16 -11.77 -14.96
N GLY A 283 9.67 -11.24 -16.07
CA GLY A 283 10.21 -12.08 -17.14
C GLY A 283 11.34 -11.34 -17.83
N LEU A 284 11.95 -11.99 -18.82
CA LEU A 284 13.04 -11.37 -19.60
C LEU A 284 12.70 -11.28 -21.08
N LYS A 289 12.66 -18.92 -18.31
CA LYS A 289 12.73 -19.31 -16.90
C LYS A 289 14.18 -19.62 -16.50
N GLU A 290 14.94 -20.22 -17.42
CA GLU A 290 16.36 -20.42 -17.19
CA GLU A 290 16.38 -20.42 -17.24
C GLU A 290 17.12 -19.09 -17.15
N GLY A 291 16.69 -18.14 -18.00
CA GLY A 291 17.24 -16.79 -18.01
C GLY A 291 16.90 -16.09 -16.70
N LEU A 292 15.68 -16.29 -16.23
CA LEU A 292 15.28 -15.76 -14.94
C LEU A 292 16.08 -16.36 -13.79
N PHE A 293 16.31 -17.66 -13.80
CA PHE A 293 17.09 -18.30 -12.76
C PHE A 293 18.50 -17.74 -12.70
N HIS A 294 19.07 -17.47 -13.88
CA HIS A 294 20.41 -16.92 -13.98
CA HIS A 294 20.39 -16.89 -14.05
C HIS A 294 20.47 -15.47 -13.50
N LEU A 295 19.40 -14.71 -13.70
CA LEU A 295 19.37 -13.35 -13.15
C LEU A 295 19.31 -13.40 -11.64
N TYR A 296 18.46 -14.29 -11.10
CA TYR A 296 18.36 -14.42 -9.62
C TYR A 296 19.71 -14.85 -9.05
N TRP A 297 20.31 -15.85 -9.69
CA TRP A 297 21.59 -16.39 -9.25
C TRP A 297 22.68 -15.31 -9.10
N ASP A 298 22.88 -14.53 -10.17
CA ASP A 298 23.87 -13.47 -10.18
C ASP A 298 23.49 -12.29 -9.28
N PHE A 299 22.22 -11.91 -9.29
CA PHE A 299 21.79 -10.83 -8.44
C PHE A 299 21.98 -11.17 -6.96
N LEU A 300 21.58 -12.37 -6.54
CA LEU A 300 21.65 -12.65 -5.09
C LEU A 300 23.11 -12.73 -4.63
N ARG A 301 23.98 -13.23 -5.49
CA ARG A 301 25.40 -13.27 -5.12
C ARG A 301 26.04 -11.89 -5.04
N GLY A 302 25.68 -11.01 -5.97
CA GLY A 302 26.12 -9.63 -5.90
C GLY A 302 25.58 -8.97 -4.63
N ALA A 303 24.32 -9.27 -4.28
CA ALA A 303 23.72 -8.63 -3.11
C ALA A 303 24.47 -9.05 -1.85
N LEU A 304 24.78 -10.33 -1.75
CA LEU A 304 25.52 -10.86 -0.59
C LEU A 304 26.88 -10.19 -0.46
N ALA A 305 27.50 -9.90 -1.60
CA ALA A 305 28.84 -9.33 -1.60
C ALA A 305 28.83 -7.83 -1.25
N LEU A 306 27.66 -7.20 -1.31
CA LEU A 306 27.51 -5.79 -1.00
C LEU A 306 26.83 -5.54 0.34
N LEU A 307 26.80 -6.54 1.20
CA LEU A 307 26.30 -6.37 2.57
C LEU A 307 27.38 -6.69 3.61
N PRO A 308 27.34 -6.03 4.79
CA PRO A 308 28.12 -6.52 5.93
C PRO A 308 27.39 -7.70 6.58
N PRO A 309 28.06 -8.43 7.49
CA PRO A 309 27.27 -9.37 8.31
C PRO A 309 26.13 -8.61 9.01
N GLY A 310 24.92 -9.17 9.03
CA GLY A 310 23.75 -8.42 9.55
C GLY A 310 23.01 -7.56 8.53
N GLY A 311 23.61 -7.30 7.37
CA GLY A 311 22.91 -6.57 6.29
C GLY A 311 21.68 -7.37 5.83
N ARG A 312 20.68 -6.71 5.26
CA ARG A 312 19.40 -7.39 4.97
C ARG A 312 18.90 -7.06 3.57
N VAL A 313 18.20 -8.02 2.95
CA VAL A 313 17.53 -7.81 1.67
C VAL A 313 16.04 -8.03 1.89
N ALA A 314 15.18 -7.14 1.39
CA ALA A 314 13.75 -7.45 1.29
C ALA A 314 13.43 -7.58 -0.19
N LEU A 315 12.89 -8.70 -0.57
CA LEU A 315 12.63 -8.88 -1.95
C LEU A 315 11.27 -9.40 -2.29
N LEU A 316 10.77 -8.96 -3.42
CA LEU A 316 9.41 -9.36 -3.84
C LEU A 316 9.52 -10.31 -5.05
N THR A 317 8.83 -11.44 -5.04
CA THR A 317 8.90 -12.36 -6.18
C THR A 317 7.61 -13.19 -6.36
N LEU A 318 7.22 -13.38 -7.62
CA LEU A 318 6.19 -14.36 -7.97
C LEU A 318 6.69 -15.79 -8.02
N ARG A 319 8.00 -15.98 -7.89
CA ARG A 319 8.58 -17.32 -8.05
C ARG A 319 9.41 -17.74 -6.82
N PRO A 320 8.73 -18.05 -5.69
CA PRO A 320 9.48 -18.35 -4.46
C PRO A 320 10.33 -19.61 -4.53
N ALA A 321 9.85 -20.65 -5.20
CA ALA A 321 10.65 -21.86 -5.33
C ALA A 321 11.95 -21.60 -6.10
N LEU A 322 11.86 -20.87 -7.19
CA LEU A 322 13.04 -20.59 -7.99
C LEU A 322 14.01 -19.67 -7.23
N LEU A 323 13.47 -18.66 -6.58
CA LEU A 323 14.28 -17.76 -5.75
C LEU A 323 15.04 -18.55 -4.70
N LYS A 324 14.35 -19.44 -4.02
CA LYS A 324 14.98 -20.22 -2.97
C LYS A 324 16.02 -21.18 -3.48
N ARG A 325 15.75 -21.80 -4.62
CA ARG A 325 16.75 -22.55 -5.31
C ARG A 325 18.04 -21.76 -5.61
N ALA A 326 17.92 -20.47 -5.95
CA ALA A 326 19.06 -19.62 -6.29
C ALA A 326 19.79 -18.98 -5.11
N LEU A 327 19.23 -19.08 -3.90
CA LEU A 327 19.81 -18.43 -2.72
C LEU A 327 21.20 -18.95 -2.42
N PRO A 328 22.20 -18.05 -2.25
CA PRO A 328 23.44 -18.61 -1.77
C PRO A 328 23.37 -18.94 -0.28
N PRO A 329 24.22 -19.86 0.19
CA PRO A 329 24.12 -20.31 1.59
C PRO A 329 24.62 -19.27 2.64
N GLY A 330 25.30 -18.22 2.20
CA GLY A 330 25.64 -17.12 3.12
C GLY A 330 24.43 -16.29 3.64
N PHE A 331 23.26 -16.46 3.03
CA PHE A 331 22.02 -15.81 3.49
C PHE A 331 21.22 -16.73 4.41
N ALA A 332 20.55 -16.15 5.43
CA ALA A 332 19.53 -16.86 6.15
C ALA A 332 18.20 -16.27 5.68
N LEU A 333 17.23 -17.13 5.49
CA LEU A 333 15.88 -16.69 5.16
C LEU A 333 15.17 -16.40 6.50
N ARG A 334 14.92 -15.13 6.81
CA ARG A 334 14.44 -14.76 8.15
C ARG A 334 12.94 -14.65 8.20
N HIS A 335 12.31 -14.16 7.14
CA HIS A 335 10.84 -14.00 7.08
C HIS A 335 10.36 -14.22 5.66
N ALA A 336 9.13 -14.70 5.53
CA ALA A 336 8.50 -14.77 4.25
C ALA A 336 7.02 -14.50 4.51
N ARG A 337 6.39 -13.73 3.63
CA ARG A 337 4.95 -13.58 3.73
C ARG A 337 4.35 -13.43 2.34
N VAL A 338 3.04 -13.61 2.27
CA VAL A 338 2.34 -13.48 1.02
C VAL A 338 1.67 -12.08 1.00
N VAL A 339 1.71 -11.40 -0.14
CA VAL A 339 1.07 -10.04 -0.20
C VAL A 339 0.32 -9.95 -1.54
N GLU A 340 -0.85 -9.30 -1.55
CA GLU A 340 -1.60 -9.17 -2.79
C GLU A 340 -1.15 -7.92 -3.52
N GLN A 341 -0.80 -8.06 -4.79
CA GLN A 341 -0.41 -6.94 -5.63
C GLN A 341 -0.95 -7.09 -7.05
N GLY A 342 -1.76 -6.13 -7.48
CA GLY A 342 -2.36 -6.12 -8.81
C GLY A 342 -3.17 -7.38 -9.12
N GLY A 343 -3.91 -7.91 -8.15
CA GLY A 343 -4.68 -9.14 -8.36
C GLY A 343 -3.92 -10.49 -8.23
N VAL A 344 -2.62 -10.47 -8.01
CA VAL A 344 -1.84 -11.69 -7.87
C VAL A 344 -1.08 -11.69 -6.55
N TYR A 345 -0.37 -12.78 -6.22
CA TYR A 345 0.14 -12.92 -4.86
C TYR A 345 1.66 -13.21 -4.80
N PRO A 346 2.48 -12.16 -4.97
CA PRO A 346 3.91 -12.36 -4.75
C PRO A 346 4.23 -12.66 -3.28
N ARG A 347 5.42 -13.22 -3.05
CA ARG A 347 5.94 -13.36 -1.69
C ARG A 347 6.92 -12.23 -1.44
N VAL A 348 7.01 -11.78 -0.18
CA VAL A 348 8.15 -10.93 0.23
C VAL A 348 9.06 -11.82 1.11
N PHE A 349 10.33 -11.87 0.76
CA PHE A 349 11.31 -12.57 1.61
C PHE A 349 12.23 -11.55 2.23
N VAL A 350 12.57 -11.71 3.50
CA VAL A 350 13.64 -10.95 4.11
C VAL A 350 14.81 -11.89 4.35
N LEU A 351 15.96 -11.53 3.80
CA LEU A 351 17.19 -12.30 3.95
C LEU A 351 18.16 -11.50 4.80
N GLU A 352 18.94 -12.20 5.63
CA GLU A 352 19.99 -11.57 6.40
C GLU A 352 21.32 -12.26 6.06
N LYS A 353 22.33 -11.47 5.77
CA LYS A 353 23.66 -12.02 5.64
C LYS A 353 24.22 -12.47 6.99
N LEU A 354 24.64 -13.75 7.05
CA LEU A 354 25.17 -14.33 8.28
C LEU A 354 26.61 -13.87 8.54
#